data_1TK7
#
_entry.id   1TK7
#
_entity_poly.entity_id   1
_entity_poly.type   'polypeptide(L)'
_entity_poly.pdbx_seq_one_letter_code
;GSPEFHMDALGPLPDGWEKKIQSDNRVYFVNHKNRTTQWEDPRTQGQEVSLINEGPLPPGWEIRYTAAGERFFVDHNTRR
TTFEDPRP
;
_entity_poly.pdbx_strand_id   A
#
# COMPACT_ATOMS: atom_id res chain seq x y z
N GLY A 1 -18.82 23.86 -4.63
CA GLY A 1 -17.63 24.43 -3.93
C GLY A 1 -16.85 23.37 -3.20
N SER A 2 -16.42 22.34 -3.91
CA SER A 2 -15.65 21.26 -3.32
C SER A 2 -14.23 21.71 -2.98
N PRO A 3 -13.75 21.42 -1.77
CA PRO A 3 -12.41 21.78 -1.34
C PRO A 3 -11.34 21.01 -2.11
N GLU A 4 -10.22 21.66 -2.38
CA GLU A 4 -9.11 21.03 -3.10
C GLU A 4 -8.28 20.15 -2.16
N PHE A 5 -8.98 19.44 -1.28
CA PHE A 5 -8.34 18.61 -0.27
C PHE A 5 -9.37 17.59 0.22
N HIS A 6 -8.89 16.51 0.83
CA HIS A 6 -9.76 15.44 1.31
C HIS A 6 -10.49 14.75 0.15
N MET A 7 -9.84 14.69 -1.01
CA MET A 7 -10.44 14.04 -2.17
C MET A 7 -10.52 12.54 -1.95
N ASP A 8 -9.41 11.96 -1.56
CA ASP A 8 -9.34 10.54 -1.25
C ASP A 8 -8.65 10.38 0.10
N ALA A 9 -9.17 11.10 1.08
CA ALA A 9 -8.59 11.11 2.42
C ALA A 9 -9.00 9.87 3.22
N LEU A 10 -9.25 8.78 2.52
CA LEU A 10 -9.54 7.51 3.17
C LEU A 10 -8.24 6.75 3.40
N GLY A 11 -7.36 6.85 2.42
CA GLY A 11 -6.07 6.17 2.49
C GLY A 11 -5.16 6.74 3.56
N PRO A 12 -4.82 8.04 3.51
CA PRO A 12 -3.92 8.64 4.49
C PRO A 12 -4.55 8.73 5.88
N LEU A 13 -3.93 8.04 6.83
CA LEU A 13 -4.38 8.04 8.23
C LEU A 13 -5.81 7.51 8.38
N PRO A 14 -6.03 6.22 8.07
CA PRO A 14 -7.35 5.59 8.20
C PRO A 14 -7.70 5.31 9.66
N ASP A 15 -6.71 4.90 10.44
CA ASP A 15 -6.91 4.57 11.84
C ASP A 15 -5.61 4.67 12.63
N GLY A 16 -4.51 4.22 12.05
CA GLY A 16 -3.23 4.33 12.71
C GLY A 16 -2.14 4.63 11.72
N TRP A 17 -2.20 3.95 10.58
CA TRP A 17 -1.17 4.07 9.56
C TRP A 17 -1.17 5.46 8.95
N GLU A 18 0.01 5.89 8.57
CA GLU A 18 0.20 7.14 7.85
C GLU A 18 1.11 6.89 6.65
N LYS A 19 0.59 7.15 5.47
CA LYS A 19 1.34 6.84 4.26
C LYS A 19 1.80 8.11 3.53
N LYS A 20 3.11 8.18 3.27
CA LYS A 20 3.71 9.29 2.55
C LYS A 20 4.54 8.76 1.38
N ILE A 21 4.21 9.19 0.17
CA ILE A 21 4.86 8.68 -1.03
C ILE A 21 6.20 9.36 -1.31
N GLN A 22 7.19 8.57 -1.68
CA GLN A 22 8.49 9.08 -2.10
C GLN A 22 8.57 9.04 -3.62
N SER A 23 9.37 9.93 -4.21
CA SER A 23 9.48 10.08 -5.66
C SER A 23 9.85 8.78 -6.38
N ASP A 24 10.36 7.80 -5.65
CA ASP A 24 10.67 6.50 -6.22
C ASP A 24 9.38 5.68 -6.44
N ASN A 25 8.32 6.16 -5.79
CA ASN A 25 7.00 5.51 -5.75
C ASN A 25 6.98 4.52 -4.61
N ARG A 26 7.79 4.81 -3.61
CA ARG A 26 7.84 4.04 -2.39
C ARG A 26 7.06 4.75 -1.30
N VAL A 27 5.98 4.16 -0.81
CA VAL A 27 5.23 4.83 0.23
C VAL A 27 5.81 4.45 1.59
N TYR A 28 6.09 5.44 2.41
CA TYR A 28 6.50 5.14 3.77
C TYR A 28 5.23 5.06 4.61
N PHE A 29 5.27 4.25 5.65
CA PHE A 29 4.13 4.16 6.54
C PHE A 29 4.57 4.32 7.96
N VAL A 30 3.75 4.98 8.71
CA VAL A 30 3.94 5.11 10.12
C VAL A 30 2.63 4.83 10.83
N ASN A 31 2.55 3.70 11.50
CA ASN A 31 1.41 3.45 12.36
C ASN A 31 1.75 3.95 13.75
N HIS A 32 0.91 4.81 14.30
CA HIS A 32 1.23 5.46 15.55
C HIS A 32 0.66 4.72 16.75
N LYS A 33 -0.32 3.86 16.50
CA LYS A 33 -0.93 3.07 17.56
C LYS A 33 0.07 2.03 18.05
N ASN A 34 0.69 1.33 17.11
CA ASN A 34 1.60 0.24 17.45
C ASN A 34 3.04 0.69 17.26
N ARG A 35 3.20 1.89 16.71
CA ARG A 35 4.52 2.48 16.46
C ARG A 35 5.36 1.60 15.54
N THR A 36 5.22 1.81 14.25
CA THR A 36 5.95 1.00 13.28
C THR A 36 6.06 1.73 11.94
N THR A 37 7.22 1.59 11.30
CA THR A 37 7.43 2.16 9.97
C THR A 37 7.57 1.03 8.96
N GLN A 38 7.11 1.26 7.73
CA GLN A 38 7.10 0.22 6.70
C GLN A 38 7.29 0.81 5.30
N TRP A 39 8.17 0.20 4.52
CA TRP A 39 8.50 0.69 3.18
C TRP A 39 7.59 0.11 2.10
N GLU A 40 7.24 0.96 1.12
CA GLU A 40 6.38 0.62 -0.03
C GLU A 40 4.91 0.42 0.36
N ASP A 41 4.70 -0.51 1.30
CA ASP A 41 3.42 -0.94 1.83
C ASP A 41 3.72 -1.89 3.01
N PRO A 42 2.90 -1.88 4.09
CA PRO A 42 3.22 -2.62 5.33
C PRO A 42 3.04 -4.13 5.20
N ARG A 43 3.95 -4.77 4.46
CA ARG A 43 3.90 -6.22 4.30
C ARG A 43 4.38 -6.96 5.54
N THR A 44 3.86 -6.57 6.71
CA THR A 44 4.17 -7.23 7.96
C THR A 44 5.68 -7.42 8.12
N GLN A 45 6.42 -6.38 7.74
CA GLN A 45 7.89 -6.40 7.73
C GLN A 45 8.45 -7.67 7.07
N GLY A 46 9.31 -8.37 7.79
CA GLY A 46 9.90 -9.59 7.26
C GLY A 46 8.90 -10.73 7.18
N GLN A 47 8.06 -10.84 8.20
CA GLN A 47 7.09 -11.94 8.32
C GLN A 47 6.19 -12.02 7.09
N GLU A 48 5.67 -10.86 6.67
CA GLU A 48 4.85 -10.75 5.47
C GLU A 48 3.65 -11.70 5.56
N VAL A 49 2.79 -11.45 6.55
CA VAL A 49 1.75 -12.43 6.94
C VAL A 49 0.45 -11.76 7.38
N SER A 50 0.56 -10.69 8.16
CA SER A 50 -0.62 -10.03 8.68
C SER A 50 -1.50 -9.53 7.54
N LEU A 51 -0.88 -8.87 6.57
CA LEU A 51 -1.61 -8.40 5.39
C LEU A 51 -1.68 -9.49 4.32
N ILE A 52 -1.40 -10.71 4.74
CA ILE A 52 -1.53 -11.88 3.87
C ILE A 52 -2.71 -12.75 4.33
N ASN A 53 -3.10 -12.52 5.59
CA ASN A 53 -4.12 -13.31 6.26
C ASN A 53 -5.50 -13.08 5.69
N GLU A 54 -5.77 -11.87 5.23
CA GLU A 54 -7.04 -11.56 4.58
C GLU A 54 -6.81 -10.50 3.50
N GLY A 55 -5.58 -10.41 3.00
CA GLY A 55 -5.24 -9.30 2.14
C GLY A 55 -4.97 -9.71 0.71
N PRO A 56 -6.00 -9.73 -0.15
CA PRO A 56 -5.83 -10.00 -1.57
C PRO A 56 -5.49 -8.74 -2.37
N LEU A 57 -4.79 -7.82 -1.72
CA LEU A 57 -4.44 -6.54 -2.32
C LEU A 57 -3.12 -5.98 -1.75
N PRO A 58 -2.97 -5.88 -0.41
CA PRO A 58 -1.82 -5.22 0.22
C PRO A 58 -0.80 -6.16 0.90
N PRO A 59 -0.23 -7.16 0.20
CA PRO A 59 0.86 -7.99 0.73
C PRO A 59 2.21 -7.29 0.56
N GLY A 60 2.24 -6.00 0.92
CA GLY A 60 3.39 -5.18 0.67
C GLY A 60 3.50 -4.83 -0.80
N TRP A 61 2.37 -4.87 -1.47
CA TRP A 61 2.26 -4.47 -2.86
C TRP A 61 1.46 -3.19 -2.91
N GLU A 62 1.51 -2.51 -4.03
CA GLU A 62 0.75 -1.29 -4.15
C GLU A 62 -0.14 -1.31 -5.38
N ILE A 63 -1.36 -0.83 -5.22
CA ILE A 63 -2.19 -0.54 -6.35
C ILE A 63 -1.72 0.79 -6.94
N ARG A 64 -1.37 0.77 -8.21
CA ARG A 64 -0.98 2.00 -8.87
C ARG A 64 -2.11 2.39 -9.81
N TYR A 65 -2.71 3.54 -9.58
CA TYR A 65 -3.83 3.97 -10.39
C TYR A 65 -3.37 4.97 -11.42
N THR A 66 -3.75 4.74 -12.67
CA THR A 66 -3.46 5.66 -13.74
C THR A 66 -4.66 6.57 -13.94
N ALA A 67 -4.40 7.81 -14.35
CA ALA A 67 -5.43 8.85 -14.45
C ALA A 67 -6.74 8.35 -15.09
N ALA A 68 -6.66 7.39 -16.01
CA ALA A 68 -7.85 6.84 -16.66
C ALA A 68 -8.70 6.05 -15.66
N GLY A 69 -8.14 5.81 -14.49
CA GLY A 69 -8.86 5.14 -13.43
C GLY A 69 -8.60 3.64 -13.37
N GLU A 70 -7.45 3.23 -13.86
CA GLU A 70 -7.08 1.82 -13.82
C GLU A 70 -6.10 1.57 -12.69
N ARG A 71 -6.38 0.56 -11.88
CA ARG A 71 -5.47 0.18 -10.81
C ARG A 71 -4.63 -1.02 -11.23
N PHE A 72 -3.32 -0.89 -11.10
CA PHE A 72 -2.40 -1.98 -11.38
C PHE A 72 -1.77 -2.44 -10.06
N PHE A 73 -0.92 -3.45 -10.14
CA PHE A 73 -0.15 -3.91 -8.99
C PHE A 73 1.30 -3.45 -9.10
N VAL A 74 1.93 -3.29 -7.95
CA VAL A 74 3.33 -2.89 -7.89
C VAL A 74 4.05 -3.67 -6.80
N ASP A 75 5.09 -4.40 -7.18
CA ASP A 75 5.91 -5.13 -6.21
C ASP A 75 7.30 -4.51 -6.11
N HIS A 76 7.84 -4.44 -4.91
CA HIS A 76 9.16 -3.81 -4.72
C HIS A 76 10.31 -4.82 -4.83
N ASN A 77 9.98 -6.10 -4.89
CA ASN A 77 10.98 -7.16 -4.95
C ASN A 77 11.69 -7.15 -6.29
N THR A 78 10.90 -7.01 -7.33
CA THR A 78 11.40 -7.00 -8.70
C THR A 78 11.27 -5.60 -9.29
N ARG A 79 10.62 -4.70 -8.54
CA ARG A 79 10.37 -3.34 -9.02
C ARG A 79 9.50 -3.38 -10.26
N ARG A 80 8.30 -3.92 -10.11
CA ARG A 80 7.42 -4.18 -11.24
C ARG A 80 6.04 -3.59 -11.02
N THR A 81 5.46 -3.06 -12.07
CA THR A 81 4.03 -2.78 -12.10
C THR A 81 3.39 -3.73 -13.10
N THR A 82 2.15 -4.13 -12.83
CA THR A 82 1.53 -5.19 -13.60
C THR A 82 0.02 -5.21 -13.36
N PHE A 83 -0.74 -5.71 -14.33
CA PHE A 83 -2.20 -5.72 -14.23
C PHE A 83 -2.67 -6.54 -13.02
N GLU A 84 -2.06 -7.70 -12.84
CA GLU A 84 -2.39 -8.57 -11.72
C GLU A 84 -1.12 -9.16 -11.09
N ASP A 85 -1.02 -10.50 -11.06
CA ASP A 85 0.19 -11.27 -10.62
C ASP A 85 0.11 -11.83 -9.19
N PRO A 86 -0.02 -11.01 -8.11
CA PRO A 86 0.07 -11.56 -6.75
C PRO A 86 -1.17 -12.33 -6.32
N ARG A 87 -2.34 -11.70 -6.40
CA ARG A 87 -3.57 -12.37 -6.02
C ARG A 87 -4.76 -11.72 -6.71
N PRO A 88 -5.66 -12.53 -7.29
CA PRO A 88 -6.84 -12.03 -7.99
C PRO A 88 -7.88 -11.49 -7.02
N GLY A 1 -16.97 21.82 5.38
CA GLY A 1 -16.87 23.30 5.52
C GLY A 1 -15.51 23.82 5.15
N SER A 2 -15.11 24.94 5.74
CA SER A 2 -13.83 25.56 5.42
C SER A 2 -12.65 24.73 5.95
N PRO A 3 -12.60 24.43 7.27
CA PRO A 3 -11.55 23.59 7.85
C PRO A 3 -11.84 22.12 7.63
N GLU A 4 -12.14 21.77 6.39
CA GLU A 4 -12.53 20.42 6.04
C GLU A 4 -12.38 20.23 4.54
N PHE A 5 -11.85 19.10 4.14
CA PHE A 5 -11.71 18.75 2.74
C PHE A 5 -11.35 17.27 2.64
N HIS A 6 -11.91 16.59 1.65
CA HIS A 6 -11.63 15.18 1.48
C HIS A 6 -10.27 15.00 0.83
N MET A 7 -9.51 14.05 1.33
CA MET A 7 -8.17 13.79 0.84
C MET A 7 -7.77 12.37 1.16
N ASP A 8 -8.03 11.95 2.40
CA ASP A 8 -7.68 10.62 2.86
C ASP A 8 -8.48 9.54 2.13
N ALA A 9 -8.12 8.29 2.40
CA ALA A 9 -8.70 7.12 1.75
C ALA A 9 -8.17 6.96 0.33
N LEU A 10 -8.51 7.90 -0.54
CA LEU A 10 -8.00 7.88 -1.92
C LEU A 10 -6.51 8.21 -1.92
N GLY A 11 -6.15 9.16 -1.08
CA GLY A 11 -4.77 9.57 -0.94
C GLY A 11 -4.14 8.98 0.30
N PRO A 12 -3.63 9.83 1.21
CA PRO A 12 -3.00 9.40 2.46
C PRO A 12 -4.00 8.70 3.39
N LEU A 13 -3.49 7.72 4.13
CA LEU A 13 -4.30 6.98 5.10
C LEU A 13 -5.52 6.31 4.45
N PRO A 14 -5.29 5.31 3.57
CA PRO A 14 -6.37 4.58 2.91
C PRO A 14 -7.21 3.80 3.92
N ASP A 15 -6.53 3.01 4.75
CA ASP A 15 -7.18 2.28 5.84
C ASP A 15 -6.19 2.10 7.00
N GLY A 16 -5.23 3.02 7.08
CA GLY A 16 -4.24 2.94 8.12
C GLY A 16 -2.86 3.30 7.64
N TRP A 17 -2.60 3.09 6.36
CA TRP A 17 -1.26 3.27 5.83
C TRP A 17 -0.84 4.72 5.82
N GLU A 18 0.42 4.92 6.12
CA GLU A 18 1.05 6.22 6.08
C GLU A 18 2.45 6.05 5.51
N LYS A 19 2.63 6.44 4.27
CA LYS A 19 3.87 6.17 3.55
C LYS A 19 4.67 7.46 3.31
N LYS A 20 5.93 7.44 3.71
CA LYS A 20 6.79 8.61 3.59
C LYS A 20 8.07 8.28 2.86
N ILE A 21 8.33 8.98 1.77
CA ILE A 21 9.55 8.75 0.99
C ILE A 21 10.77 9.36 1.67
N GLN A 22 11.86 8.59 1.72
CA GLN A 22 13.14 9.03 2.24
C GLN A 22 14.02 9.38 1.05
N SER A 23 14.93 10.34 1.23
CA SER A 23 15.75 10.85 0.13
C SER A 23 16.61 9.76 -0.53
N ASP A 24 16.64 8.56 0.06
CA ASP A 24 17.32 7.41 -0.57
C ASP A 24 16.42 6.81 -1.63
N ASN A 25 15.18 7.29 -1.67
CA ASN A 25 14.12 6.81 -2.56
C ASN A 25 13.42 5.60 -1.94
N ARG A 26 13.54 5.50 -0.62
CA ARG A 26 12.87 4.44 0.14
C ARG A 26 11.63 5.00 0.81
N VAL A 27 10.48 4.42 0.56
CA VAL A 27 9.26 4.89 1.21
C VAL A 27 9.00 4.06 2.46
N TYR A 28 9.01 4.70 3.62
CA TYR A 28 8.69 3.95 4.82
C TYR A 28 7.17 3.82 4.91
N PHE A 29 6.71 2.78 5.56
CA PHE A 29 5.29 2.60 5.72
C PHE A 29 4.91 2.37 7.16
N VAL A 30 3.79 2.95 7.54
CA VAL A 30 3.28 2.84 8.88
C VAL A 30 1.80 2.51 8.82
N ASN A 31 1.42 1.40 9.38
CA ASN A 31 0.03 1.03 9.42
C ASN A 31 -0.54 1.36 10.79
N HIS A 32 -1.62 2.12 10.81
CA HIS A 32 -2.15 2.61 12.07
C HIS A 32 -3.22 1.68 12.61
N LYS A 33 -3.60 0.69 11.82
CA LYS A 33 -4.59 -0.28 12.25
C LYS A 33 -3.95 -1.25 13.25
N ASN A 34 -2.77 -1.76 12.87
CA ASN A 34 -2.08 -2.76 13.68
C ASN A 34 -0.84 -2.14 14.34
N ARG A 35 -0.56 -0.88 14.01
CA ARG A 35 0.59 -0.15 14.55
C ARG A 35 1.90 -0.84 14.16
N THR A 36 2.36 -0.54 12.96
CA THR A 36 3.58 -1.16 12.43
C THR A 36 4.29 -0.21 11.48
N THR A 37 5.61 -0.12 11.56
CA THR A 37 6.38 0.66 10.61
C THR A 37 7.42 -0.24 9.92
N GLN A 38 7.69 0.07 8.65
CA GLN A 38 8.62 -0.72 7.83
C GLN A 38 9.17 0.14 6.70
N TRP A 39 10.47 0.07 6.45
CA TRP A 39 11.08 0.88 5.39
C TRP A 39 11.16 0.13 4.05
N GLU A 40 10.37 0.61 3.07
CA GLU A 40 10.40 0.04 1.70
C GLU A 40 9.26 0.58 0.85
N ASP A 41 8.03 0.37 1.37
CA ASP A 41 6.74 0.82 0.80
C ASP A 41 5.88 -0.37 0.36
N PRO A 42 4.62 -0.43 0.83
CA PRO A 42 3.68 -1.48 0.49
C PRO A 42 2.66 -0.97 -0.54
N ARG A 43 2.83 0.27 -0.98
CA ARG A 43 1.92 0.91 -1.94
C ARG A 43 2.34 2.34 -2.23
N THR A 44 1.89 2.81 -3.38
CA THR A 44 1.99 4.22 -3.74
C THR A 44 3.44 4.73 -3.72
N GLN A 45 4.27 4.12 -4.56
CA GLN A 45 5.63 4.62 -4.78
C GLN A 45 5.87 4.79 -6.27
N GLY A 46 6.57 5.86 -6.65
CA GLY A 46 6.83 6.14 -8.05
C GLY A 46 7.40 4.94 -8.78
N GLN A 47 8.52 4.43 -8.28
CA GLN A 47 9.19 3.29 -8.90
C GLN A 47 8.26 2.08 -9.00
N GLU A 48 7.40 1.91 -8.00
CA GLU A 48 6.49 0.77 -7.96
C GLU A 48 5.08 1.20 -8.36
N VAL A 49 4.15 1.05 -7.41
CA VAL A 49 2.75 1.29 -7.65
C VAL A 49 2.45 2.76 -7.96
N SER A 50 2.07 3.51 -6.92
CA SER A 50 1.56 4.87 -7.09
C SER A 50 0.38 4.88 -8.04
N LEU A 51 -0.53 3.94 -7.82
CA LEU A 51 -1.73 3.83 -8.62
C LEU A 51 -1.34 3.72 -10.08
N ILE A 52 -0.48 2.73 -10.33
CA ILE A 52 0.15 2.50 -11.65
C ILE A 52 -0.86 2.57 -12.78
N ASN A 53 -2.07 2.08 -12.52
CA ASN A 53 -3.12 1.94 -13.52
C ASN A 53 -2.84 0.74 -14.43
N GLU A 54 -3.61 -0.31 -14.21
CA GLU A 54 -3.48 -1.56 -14.98
C GLU A 54 -2.13 -2.22 -14.78
N GLY A 55 -1.73 -2.39 -13.52
CA GLY A 55 -0.49 -3.10 -13.23
C GLY A 55 -0.78 -4.37 -12.44
N PRO A 56 0.15 -4.84 -11.60
CA PRO A 56 -0.07 -6.04 -10.78
C PRO A 56 -0.94 -5.77 -9.55
N LEU A 57 -1.68 -4.66 -9.61
CA LEU A 57 -2.60 -4.23 -8.55
C LEU A 57 -2.07 -4.48 -7.12
N PRO A 58 -0.90 -3.92 -6.77
CA PRO A 58 -0.27 -4.13 -5.48
C PRO A 58 -0.30 -2.89 -4.54
N PRO A 59 -1.48 -2.27 -4.29
CA PRO A 59 -1.57 -1.12 -3.41
C PRO A 59 -1.95 -1.50 -1.98
N GLY A 60 -0.96 -1.65 -1.13
CA GLY A 60 -1.21 -2.00 0.25
C GLY A 60 -1.02 -3.47 0.49
N TRP A 61 -0.01 -4.02 -0.16
CA TRP A 61 0.35 -5.41 0.02
C TRP A 61 1.67 -5.52 0.76
N GLU A 62 1.84 -6.64 1.45
CA GLU A 62 3.07 -6.95 2.14
C GLU A 62 3.56 -8.32 1.71
N ILE A 63 4.85 -8.55 1.80
CA ILE A 63 5.42 -9.83 1.45
C ILE A 63 5.58 -10.69 2.70
N ARG A 64 4.93 -11.83 2.71
CA ARG A 64 5.01 -12.74 3.85
C ARG A 64 5.92 -13.91 3.50
N TYR A 65 7.00 -14.05 4.24
CA TYR A 65 7.93 -15.14 4.01
C TYR A 65 7.35 -16.45 4.51
N THR A 66 7.19 -17.39 3.60
CA THR A 66 6.70 -18.71 3.95
C THR A 66 7.86 -19.70 3.97
N ALA A 67 7.86 -20.60 4.96
CA ALA A 67 8.99 -21.48 5.26
C ALA A 67 9.72 -22.04 4.03
N ALA A 68 8.97 -22.35 2.97
CA ALA A 68 9.59 -22.88 1.73
C ALA A 68 10.42 -21.82 1.02
N GLY A 69 10.41 -20.61 1.55
CA GLY A 69 11.25 -19.55 1.05
C GLY A 69 10.54 -18.63 0.09
N GLU A 70 9.22 -18.73 0.05
CA GLU A 70 8.43 -17.90 -0.87
C GLU A 70 7.79 -16.74 -0.14
N ARG A 71 7.79 -15.57 -0.78
CA ARG A 71 7.16 -14.40 -0.21
C ARG A 71 5.76 -14.19 -0.79
N PHE A 72 4.76 -14.54 0.01
CA PHE A 72 3.37 -14.42 -0.39
C PHE A 72 2.95 -12.95 -0.38
N PHE A 73 1.89 -12.63 -1.08
CA PHE A 73 1.35 -11.28 -1.08
C PHE A 73 0.23 -11.17 -0.05
N VAL A 74 0.23 -10.07 0.69
CA VAL A 74 -0.75 -9.83 1.74
C VAL A 74 -1.29 -8.40 1.68
N ASP A 75 -2.55 -8.24 1.27
CA ASP A 75 -3.19 -6.93 1.24
C ASP A 75 -3.89 -6.70 2.57
N HIS A 76 -3.61 -5.57 3.22
CA HIS A 76 -4.17 -5.32 4.54
C HIS A 76 -5.41 -4.45 4.47
N ASN A 77 -5.63 -3.84 3.31
CA ASN A 77 -6.75 -2.93 3.11
C ASN A 77 -8.05 -3.73 2.99
N THR A 78 -7.98 -4.81 2.24
CA THR A 78 -9.14 -5.64 1.97
C THR A 78 -9.03 -6.99 2.68
N ARG A 79 -7.88 -7.20 3.34
CA ARG A 79 -7.59 -8.46 4.04
C ARG A 79 -7.60 -9.63 3.05
N ARG A 80 -6.47 -9.83 2.39
CA ARG A 80 -6.35 -10.86 1.37
C ARG A 80 -4.90 -11.28 1.22
N THR A 81 -4.66 -12.58 1.11
CA THR A 81 -3.32 -13.06 0.83
C THR A 81 -3.32 -13.90 -0.44
N THR A 82 -2.22 -13.86 -1.18
CA THR A 82 -2.13 -14.54 -2.45
C THR A 82 -0.74 -15.14 -2.64
N PHE A 83 -0.69 -16.37 -3.14
CA PHE A 83 0.58 -17.04 -3.37
C PHE A 83 1.24 -16.45 -4.62
N GLU A 84 0.46 -16.34 -5.68
CA GLU A 84 0.91 -15.74 -6.92
C GLU A 84 0.82 -14.22 -6.83
N ASP A 85 0.87 -13.54 -7.96
CA ASP A 85 0.76 -12.08 -8.00
C ASP A 85 -0.70 -11.66 -7.98
N PRO A 86 -1.00 -10.51 -7.34
CA PRO A 86 -2.37 -9.98 -7.24
C PRO A 86 -2.98 -9.61 -8.59
N ARG A 87 -3.72 -8.51 -8.63
CA ARG A 87 -4.42 -8.07 -9.84
C ARG A 87 -5.49 -9.09 -10.27
N PRO A 88 -6.65 -9.06 -9.60
CA PRO A 88 -7.76 -9.96 -9.91
C PRO A 88 -8.39 -9.66 -11.26
N GLY A 1 -3.83 10.69 -8.67
CA GLY A 1 -4.84 9.62 -8.51
C GLY A 1 -5.96 9.75 -9.50
N SER A 2 -6.36 8.63 -10.10
CA SER A 2 -7.46 8.63 -11.06
C SER A 2 -8.79 8.86 -10.35
N PRO A 3 -9.63 9.75 -10.90
CA PRO A 3 -10.93 10.07 -10.31
C PRO A 3 -11.84 8.86 -10.20
N GLU A 4 -12.20 8.51 -8.98
CA GLU A 4 -13.01 7.35 -8.69
C GLU A 4 -13.56 7.45 -7.28
N PHE A 5 -13.94 8.67 -6.92
CA PHE A 5 -14.39 9.03 -5.57
C PHE A 5 -13.22 8.96 -4.58
N HIS A 6 -13.04 10.04 -3.83
CA HIS A 6 -11.96 10.15 -2.83
C HIS A 6 -10.62 10.32 -3.53
N MET A 7 -9.70 11.02 -2.86
CA MET A 7 -8.38 11.25 -3.43
C MET A 7 -7.40 10.20 -2.92
N ASP A 8 -7.25 10.15 -1.60
CA ASP A 8 -6.35 9.20 -0.94
C ASP A 8 -4.95 9.28 -1.56
N ALA A 9 -4.44 8.14 -2.03
CA ALA A 9 -3.14 8.05 -2.72
C ALA A 9 -1.96 8.28 -1.77
N LEU A 10 -2.06 9.30 -0.94
CA LEU A 10 -1.04 9.55 0.08
C LEU A 10 -1.21 8.56 1.21
N GLY A 11 -2.42 8.49 1.75
CA GLY A 11 -2.74 7.53 2.78
C GLY A 11 -2.40 8.03 4.17
N PRO A 12 -3.09 9.07 4.66
CA PRO A 12 -2.86 9.62 6.00
C PRO A 12 -3.36 8.68 7.10
N LEU A 13 -2.50 8.45 8.10
CA LEU A 13 -2.83 7.58 9.24
C LEU A 13 -3.47 6.27 8.80
N PRO A 14 -2.75 5.45 8.01
CA PRO A 14 -3.28 4.18 7.51
C PRO A 14 -3.69 3.24 8.64
N ASP A 15 -4.92 2.76 8.58
CA ASP A 15 -5.45 1.84 9.58
C ASP A 15 -4.96 0.42 9.34
N GLY A 16 -3.65 0.24 9.36
CA GLY A 16 -3.06 -1.05 9.10
C GLY A 16 -1.55 -0.95 9.01
N TRP A 17 -1.10 0.10 8.32
CA TRP A 17 0.31 0.43 8.28
C TRP A 17 0.68 1.40 9.38
N GLU A 18 1.97 1.65 9.49
CA GLU A 18 2.48 2.70 10.36
C GLU A 18 3.62 3.41 9.64
N LYS A 19 3.53 4.72 9.55
CA LYS A 19 4.54 5.51 8.88
C LYS A 19 5.33 6.33 9.90
N LYS A 20 6.64 6.29 9.80
CA LYS A 20 7.48 7.06 10.71
C LYS A 20 8.47 7.89 9.91
N ILE A 21 8.40 9.21 10.04
CA ILE A 21 9.23 10.09 9.23
C ILE A 21 10.60 10.31 9.85
N GLN A 22 11.64 10.09 9.05
CA GLN A 22 13.00 10.35 9.47
C GLN A 22 13.42 11.72 8.93
N SER A 23 14.14 12.48 9.76
CA SER A 23 14.49 13.88 9.49
C SER A 23 14.88 14.14 8.03
N ASP A 24 15.63 13.22 7.43
CA ASP A 24 16.19 13.46 6.11
C ASP A 24 15.09 13.64 5.07
N ASN A 25 14.08 12.77 5.14
CA ASN A 25 12.90 12.73 4.24
C ASN A 25 12.64 11.29 3.84
N ARG A 26 12.96 10.40 4.75
CA ARG A 26 12.64 8.99 4.58
C ARG A 26 11.43 8.64 5.43
N VAL A 27 10.45 7.96 4.87
CA VAL A 27 9.36 7.48 5.67
C VAL A 27 9.52 5.99 5.91
N TYR A 28 9.53 5.56 7.14
CA TYR A 28 9.52 4.13 7.36
C TYR A 28 8.09 3.66 7.23
N PHE A 29 7.90 2.42 6.82
CA PHE A 29 6.57 1.84 6.81
C PHE A 29 6.59 0.52 7.54
N VAL A 30 5.67 0.39 8.46
CA VAL A 30 5.65 -0.73 9.37
C VAL A 30 4.24 -1.24 9.47
N ASN A 31 3.94 -2.34 8.82
CA ASN A 31 2.62 -2.89 8.92
C ASN A 31 2.53 -3.74 10.17
N HIS A 32 1.58 -3.43 11.03
CA HIS A 32 1.47 -4.12 12.32
C HIS A 32 0.63 -5.36 12.18
N LYS A 33 -0.22 -5.36 11.16
CA LYS A 33 -1.10 -6.48 10.91
C LYS A 33 -0.28 -7.69 10.48
N ASN A 34 0.78 -7.45 9.71
CA ASN A 34 1.65 -8.51 9.22
C ASN A 34 3.00 -8.48 9.94
N ARG A 35 3.26 -7.40 10.68
CA ARG A 35 4.51 -7.22 11.40
C ARG A 35 5.72 -7.18 10.46
N THR A 36 5.79 -6.13 9.66
CA THR A 36 6.86 -5.97 8.69
C THR A 36 7.21 -4.49 8.50
N THR A 37 8.50 -4.14 8.58
CA THR A 37 8.92 -2.76 8.45
C THR A 37 9.90 -2.57 7.29
N GLN A 38 9.80 -1.42 6.64
CA GLN A 38 10.60 -1.09 5.45
C GLN A 38 10.75 0.42 5.28
N TRP A 39 11.87 0.85 4.73
CA TRP A 39 12.16 2.27 4.56
C TRP A 39 11.74 2.79 3.17
N GLU A 40 10.86 3.81 3.16
CA GLU A 40 10.45 4.59 1.97
C GLU A 40 8.98 4.99 2.10
N ASP A 41 8.10 4.21 1.46
CA ASP A 41 6.64 4.42 1.48
C ASP A 41 6.01 3.47 0.45
N PRO A 42 5.02 2.64 0.83
CA PRO A 42 4.37 1.73 -0.10
C PRO A 42 3.20 2.41 -0.78
N ARG A 43 3.38 3.68 -1.14
CA ARG A 43 2.28 4.49 -1.65
C ARG A 43 2.83 5.77 -2.27
N THR A 44 2.34 6.12 -3.45
CA THR A 44 2.83 7.26 -4.21
C THR A 44 4.35 7.17 -4.39
N GLN A 45 4.79 5.99 -4.83
CA GLN A 45 6.20 5.67 -4.92
C GLN A 45 6.74 5.99 -6.32
N GLY A 46 7.46 5.05 -6.90
CA GLY A 46 8.00 5.21 -8.24
C GLY A 46 8.98 4.12 -8.60
N GLN A 47 9.82 3.76 -7.63
CA GLN A 47 10.89 2.81 -7.87
C GLN A 47 10.39 1.37 -8.03
N GLU A 48 9.31 1.03 -7.33
CA GLU A 48 8.91 -0.37 -7.26
C GLU A 48 7.44 -0.57 -7.56
N VAL A 49 6.58 0.25 -6.96
CA VAL A 49 5.13 0.12 -7.14
C VAL A 49 4.45 1.45 -6.92
N SER A 50 3.16 1.37 -6.59
CA SER A 50 2.31 2.53 -6.41
C SER A 50 2.06 3.20 -7.75
N LEU A 51 1.25 2.55 -8.58
CA LEU A 51 1.03 2.95 -9.96
C LEU A 51 2.32 2.80 -10.75
N ILE A 52 2.96 1.65 -10.55
CA ILE A 52 4.13 1.29 -11.31
C ILE A 52 3.89 -0.11 -11.89
N ASN A 53 3.38 -0.16 -13.10
CA ASN A 53 2.98 -1.42 -13.72
C ASN A 53 4.19 -2.27 -14.11
N GLU A 54 4.85 -2.84 -13.10
CA GLU A 54 6.06 -3.64 -13.32
C GLU A 54 6.52 -4.29 -12.02
N GLY A 55 6.10 -3.71 -10.93
CA GLY A 55 6.43 -4.24 -9.63
C GLY A 55 5.35 -5.17 -9.11
N PRO A 56 5.65 -6.47 -8.96
CA PRO A 56 4.68 -7.47 -8.48
C PRO A 56 4.41 -7.37 -6.99
N LEU A 57 3.89 -6.23 -6.55
CA LEU A 57 3.76 -5.96 -5.13
C LEU A 57 2.60 -4.99 -4.87
N PRO A 58 1.82 -5.22 -3.80
CA PRO A 58 0.65 -4.40 -3.47
C PRO A 58 1.01 -2.95 -3.08
N PRO A 59 0.58 -1.98 -3.91
CA PRO A 59 0.84 -0.55 -3.68
C PRO A 59 -0.15 0.09 -2.68
N GLY A 60 0.24 0.13 -1.41
CA GLY A 60 -0.59 0.77 -0.40
C GLY A 60 -1.73 -0.13 0.03
N TRP A 61 -1.38 -1.38 0.23
CA TRP A 61 -2.38 -2.42 0.51
C TRP A 61 -2.29 -2.93 1.94
N GLU A 62 -3.40 -3.47 2.40
CA GLU A 62 -3.51 -3.96 3.76
C GLU A 62 -4.05 -5.38 3.76
N ILE A 63 -3.61 -6.18 4.71
CA ILE A 63 -4.20 -7.48 4.92
C ILE A 63 -5.40 -7.35 5.84
N ARG A 64 -6.54 -7.83 5.37
CA ARG A 64 -7.75 -7.82 6.18
C ARG A 64 -8.10 -9.25 6.54
N TYR A 65 -8.13 -9.55 7.82
CA TYR A 65 -8.35 -10.92 8.25
C TYR A 65 -9.80 -11.16 8.60
N THR A 66 -10.31 -12.31 8.18
CA THR A 66 -11.66 -12.72 8.53
C THR A 66 -11.59 -13.71 9.68
N ALA A 67 -12.60 -13.69 10.54
CA ALA A 67 -12.62 -14.46 11.79
C ALA A 67 -12.01 -15.86 11.68
N ALA A 68 -12.22 -16.53 10.56
CA ALA A 68 -11.69 -17.89 10.37
C ALA A 68 -10.16 -17.89 10.30
N GLY A 69 -9.58 -16.70 10.19
CA GLY A 69 -8.14 -16.55 10.18
C GLY A 69 -7.58 -16.46 8.78
N GLU A 70 -8.38 -16.00 7.84
CA GLU A 70 -7.93 -15.79 6.48
C GLU A 70 -7.68 -14.30 6.24
N ARG A 71 -6.52 -13.99 5.67
CA ARG A 71 -6.18 -12.61 5.35
C ARG A 71 -6.40 -12.31 3.87
N PHE A 72 -7.07 -11.20 3.60
CA PHE A 72 -7.31 -10.74 2.24
C PHE A 72 -6.45 -9.52 1.97
N PHE A 73 -6.45 -9.05 0.73
CA PHE A 73 -5.74 -7.84 0.36
C PHE A 73 -6.71 -6.68 0.23
N VAL A 74 -6.25 -5.47 0.55
CA VAL A 74 -7.10 -4.29 0.52
C VAL A 74 -6.33 -3.08 -0.01
N ASP A 75 -6.80 -2.55 -1.13
CA ASP A 75 -6.26 -1.29 -1.67
C ASP A 75 -6.99 -0.11 -1.03
N HIS A 76 -6.28 0.96 -0.73
CA HIS A 76 -6.90 2.12 -0.10
C HIS A 76 -7.10 3.28 -1.08
N ASN A 77 -6.13 3.47 -1.97
CA ASN A 77 -6.22 4.53 -2.98
C ASN A 77 -7.28 4.16 -4.02
N THR A 78 -7.50 2.87 -4.14
CA THR A 78 -8.50 2.34 -5.06
C THR A 78 -9.72 1.85 -4.28
N ARG A 79 -9.51 1.57 -3.00
CA ARG A 79 -10.57 1.04 -2.12
C ARG A 79 -11.16 -0.23 -2.71
N ARG A 80 -10.53 -1.34 -2.39
CA ARG A 80 -10.91 -2.63 -2.96
C ARG A 80 -10.29 -3.76 -2.15
N THR A 81 -11.04 -4.84 -1.95
CA THR A 81 -10.54 -5.99 -1.23
C THR A 81 -10.60 -7.24 -2.11
N THR A 82 -9.67 -8.16 -1.88
CA THR A 82 -9.54 -9.37 -2.69
C THR A 82 -8.78 -10.44 -1.93
N PHE A 83 -9.18 -11.69 -2.05
CA PHE A 83 -8.46 -12.78 -1.38
C PHE A 83 -7.13 -13.05 -2.06
N GLU A 84 -7.14 -13.03 -3.39
CA GLU A 84 -5.95 -13.28 -4.18
C GLU A 84 -5.04 -12.05 -4.20
N ASP A 85 -3.74 -12.28 -4.30
CA ASP A 85 -2.76 -11.21 -4.34
C ASP A 85 -3.02 -10.28 -5.51
N PRO A 86 -2.79 -8.96 -5.33
CA PRO A 86 -3.13 -7.92 -6.31
C PRO A 86 -2.56 -8.21 -7.70
N ARG A 87 -1.24 -8.28 -7.81
CA ARG A 87 -0.61 -8.50 -9.08
C ARG A 87 0.64 -9.36 -8.95
N PRO A 88 0.84 -10.28 -9.90
CA PRO A 88 2.02 -11.12 -9.97
C PRO A 88 3.14 -10.41 -10.73
N GLY A 1 -13.35 24.03 11.75
CA GLY A 1 -13.77 23.61 10.40
C GLY A 1 -13.45 24.65 9.36
N SER A 2 -12.21 25.11 9.35
CA SER A 2 -11.78 26.13 8.42
C SER A 2 -11.33 25.51 7.10
N PRO A 3 -11.68 26.13 5.97
CA PRO A 3 -11.30 25.64 4.64
C PRO A 3 -9.83 25.94 4.32
N GLU A 4 -8.95 25.72 5.29
CA GLU A 4 -7.53 25.97 5.11
C GLU A 4 -6.86 24.79 4.43
N PHE A 5 -7.51 24.27 3.38
CA PHE A 5 -7.00 23.14 2.61
C PHE A 5 -6.75 21.93 3.51
N HIS A 6 -7.82 21.18 3.77
CA HIS A 6 -7.75 20.03 4.67
C HIS A 6 -6.71 19.02 4.20
N MET A 7 -5.95 18.52 5.18
CA MET A 7 -4.85 17.58 4.96
C MET A 7 -3.65 18.26 4.34
N ASP A 8 -2.50 18.00 4.92
CA ASP A 8 -1.24 18.56 4.46
C ASP A 8 -0.43 17.53 3.70
N ALA A 9 0.07 16.55 4.42
CA ALA A 9 0.87 15.46 3.85
C ALA A 9 1.20 14.47 4.95
N LEU A 10 1.47 15.02 6.13
CA LEU A 10 1.68 14.23 7.32
C LEU A 10 0.34 13.67 7.80
N GLY A 11 -0.71 14.46 7.64
CA GLY A 11 -2.04 14.03 8.04
C GLY A 11 -2.54 12.85 7.23
N PRO A 12 -3.06 11.81 7.89
CA PRO A 12 -3.57 10.61 7.24
C PRO A 12 -4.68 10.91 6.22
N LEU A 13 -4.64 10.20 5.10
CA LEU A 13 -5.60 10.41 4.02
C LEU A 13 -6.95 9.73 4.30
N PRO A 14 -6.99 8.40 4.52
CA PRO A 14 -8.25 7.66 4.70
C PRO A 14 -8.80 7.76 6.12
N ASP A 15 -8.79 6.65 6.86
CA ASP A 15 -9.34 6.60 8.20
C ASP A 15 -8.40 5.82 9.12
N GLY A 16 -7.11 6.05 8.95
CA GLY A 16 -6.11 5.35 9.73
C GLY A 16 -4.77 5.34 9.01
N TRP A 17 -4.82 4.99 7.73
CA TRP A 17 -3.61 4.88 6.93
C TRP A 17 -2.96 6.24 6.70
N GLU A 18 -1.64 6.24 6.64
CA GLU A 18 -0.88 7.44 6.37
C GLU A 18 0.22 7.13 5.35
N LYS A 19 -0.12 7.25 4.08
CA LYS A 19 0.82 6.91 3.01
C LYS A 19 1.64 8.13 2.57
N LYS A 20 2.95 7.97 2.59
CA LYS A 20 3.87 9.03 2.16
C LYS A 20 4.85 8.51 1.13
N ILE A 21 4.85 9.13 -0.05
CA ILE A 21 5.73 8.70 -1.14
C ILE A 21 7.20 9.05 -0.87
N GLN A 22 8.09 8.11 -1.19
CA GLN A 22 9.51 8.35 -1.13
C GLN A 22 9.99 8.62 -2.55
N SER A 23 11.01 9.45 -2.72
CA SER A 23 11.46 9.90 -4.06
C SER A 23 11.93 8.76 -4.96
N ASP A 24 12.03 7.55 -4.41
CA ASP A 24 12.31 6.37 -5.22
C ASP A 24 11.03 5.98 -5.97
N ASN A 25 9.91 6.44 -5.40
CA ASN A 25 8.54 6.15 -5.83
C ASN A 25 8.02 4.96 -5.06
N ARG A 26 8.54 4.79 -3.84
CA ARG A 26 8.04 3.81 -2.90
C ARG A 26 7.14 4.48 -1.89
N VAL A 27 5.87 4.14 -1.86
CA VAL A 27 4.95 4.75 -0.92
C VAL A 27 5.07 4.08 0.44
N TYR A 28 5.42 4.83 1.47
CA TYR A 28 5.41 4.27 2.79
C TYR A 28 3.99 4.34 3.33
N PHE A 29 3.65 3.40 4.20
CA PHE A 29 2.36 3.39 4.82
C PHE A 29 2.47 3.26 6.32
N VAL A 30 1.64 4.00 7.01
CA VAL A 30 1.61 3.96 8.45
C VAL A 30 0.17 3.80 8.92
N ASN A 31 -0.08 2.73 9.63
CA ASN A 31 -1.37 2.53 10.25
C ASN A 31 -1.30 3.05 11.67
N HIS A 32 -2.27 3.84 12.10
CA HIS A 32 -2.21 4.43 13.44
C HIS A 32 -3.18 3.71 14.38
N LYS A 33 -4.18 3.05 13.80
CA LYS A 33 -5.11 2.24 14.58
C LYS A 33 -4.42 0.97 15.07
N ASN A 34 -3.60 0.41 14.20
CA ASN A 34 -2.93 -0.85 14.46
C ASN A 34 -1.45 -0.62 14.74
N ARG A 35 -0.99 0.60 14.43
CA ARG A 35 0.39 1.02 14.64
C ARG A 35 1.36 0.15 13.83
N THR A 36 1.65 0.62 12.63
CA THR A 36 2.52 -0.10 11.70
C THR A 36 3.12 0.88 10.70
N THR A 37 4.41 0.70 10.39
CA THR A 37 5.03 1.49 9.33
C THR A 37 5.64 0.55 8.29
N GLN A 38 5.61 0.93 7.02
CA GLN A 38 6.10 0.05 5.96
C GLN A 38 6.31 0.80 4.65
N TRP A 39 7.32 0.40 3.88
CA TRP A 39 7.45 0.88 2.50
C TRP A 39 6.77 -0.10 1.55
N GLU A 40 5.97 0.40 0.59
CA GLU A 40 5.24 -0.41 -0.40
C GLU A 40 4.02 0.37 -0.92
N ASP A 41 2.85 -0.04 -0.43
CA ASP A 41 1.56 0.65 -0.61
C ASP A 41 0.43 -0.35 -0.40
N PRO A 42 -0.43 -0.14 0.61
CA PRO A 42 -1.54 -1.03 0.88
C PRO A 42 -2.75 -0.66 0.04
N ARG A 43 -2.53 0.23 -0.91
CA ARG A 43 -3.57 0.71 -1.84
C ARG A 43 -4.62 1.56 -1.13
N THR A 44 -5.30 0.97 -0.16
CA THR A 44 -6.44 1.60 0.49
C THR A 44 -7.57 1.75 -0.53
N GLN A 45 -7.79 0.66 -1.27
CA GLN A 45 -8.85 0.61 -2.27
C GLN A 45 -10.16 0.11 -1.64
N GLY A 46 -10.18 0.07 -0.31
CA GLY A 46 -11.36 -0.34 0.41
C GLY A 46 -11.55 -1.85 0.46
N GLN A 47 -11.55 -2.39 1.69
CA GLN A 47 -11.85 -3.82 1.95
C GLN A 47 -10.75 -4.78 1.49
N GLU A 48 -10.29 -4.63 0.25
CA GLU A 48 -9.30 -5.54 -0.33
C GLU A 48 -7.91 -5.34 0.28
N VAL A 49 -6.87 -5.39 -0.58
CA VAL A 49 -5.47 -5.25 -0.16
C VAL A 49 -5.24 -4.05 0.76
N SER A 50 -6.19 -3.14 0.75
CA SER A 50 -6.23 -2.00 1.64
C SER A 50 -6.03 -2.43 3.09
N LEU A 51 -6.58 -3.58 3.45
CA LEU A 51 -6.47 -4.10 4.80
C LEU A 51 -5.97 -5.53 4.73
N ILE A 52 -5.25 -5.82 3.64
CA ILE A 52 -4.66 -7.13 3.41
C ILE A 52 -3.32 -7.27 4.16
N ASN A 53 -2.56 -6.16 4.19
CA ASN A 53 -1.17 -6.14 4.69
C ASN A 53 -0.96 -6.97 5.96
N GLU A 54 -1.79 -6.76 6.97
CA GLU A 54 -1.64 -7.48 8.25
C GLU A 54 -2.02 -8.96 8.14
N GLY A 55 -1.94 -9.53 6.94
CA GLY A 55 -2.30 -10.92 6.74
C GLY A 55 -1.53 -11.56 5.61
N PRO A 56 -1.71 -12.88 5.39
CA PRO A 56 -0.96 -13.66 4.37
C PRO A 56 -1.36 -13.30 2.94
N LEU A 57 -1.13 -12.05 2.55
CA LEU A 57 -1.45 -11.57 1.21
C LEU A 57 -0.67 -10.28 0.92
N PRO A 58 -0.29 -10.07 -0.36
CA PRO A 58 0.49 -8.91 -0.76
C PRO A 58 -0.37 -7.66 -1.05
N PRO A 59 -0.15 -6.57 -0.32
CA PRO A 59 -0.84 -5.31 -0.55
C PRO A 59 -0.17 -4.45 -1.61
N GLY A 60 -0.99 -3.87 -2.50
CA GLY A 60 -0.47 -3.01 -3.53
C GLY A 60 0.27 -3.76 -4.62
N TRP A 61 -0.09 -5.03 -4.77
CA TRP A 61 0.50 -5.86 -5.81
C TRP A 61 -0.51 -6.18 -6.89
N GLU A 62 -0.03 -6.53 -8.07
CA GLU A 62 -0.90 -6.78 -9.21
C GLU A 62 -0.59 -8.14 -9.82
N ILE A 63 -1.59 -8.77 -10.39
CA ILE A 63 -1.35 -10.01 -11.13
C ILE A 63 -1.01 -9.69 -12.58
N ARG A 64 0.14 -10.12 -13.03
CA ARG A 64 0.58 -9.88 -14.39
C ARG A 64 0.96 -11.20 -15.03
N TYR A 65 0.39 -11.51 -16.19
CA TYR A 65 0.75 -12.71 -16.89
C TYR A 65 2.11 -12.55 -17.55
N THR A 66 3.09 -13.34 -17.09
CA THR A 66 4.43 -13.29 -17.68
C THR A 66 4.32 -13.66 -19.17
N ALA A 67 5.37 -13.40 -19.94
CA ALA A 67 5.34 -13.59 -21.39
C ALA A 67 5.28 -15.06 -21.82
N ALA A 68 4.67 -15.85 -20.96
CA ALA A 68 4.19 -17.16 -21.34
C ALA A 68 2.65 -17.16 -21.30
N GLY A 69 2.13 -16.31 -20.42
CA GLY A 69 0.72 -16.31 -20.10
C GLY A 69 0.50 -16.82 -18.70
N GLU A 70 1.54 -16.70 -17.87
CA GLU A 70 1.50 -17.21 -16.50
C GLU A 70 1.40 -16.10 -15.46
N ARG A 71 0.22 -15.88 -14.90
CA ARG A 71 0.01 -14.74 -14.01
C ARG A 71 0.96 -14.78 -12.79
N PHE A 72 1.67 -13.67 -12.61
CA PHE A 72 2.64 -13.49 -11.53
C PHE A 72 2.13 -12.46 -10.53
N PHE A 73 2.92 -12.20 -9.49
CA PHE A 73 2.66 -11.10 -8.59
C PHE A 73 3.57 -9.94 -8.95
N VAL A 74 3.09 -8.71 -8.84
CA VAL A 74 3.87 -7.56 -9.27
C VAL A 74 3.77 -6.40 -8.28
N ASP A 75 4.89 -6.03 -7.70
CA ASP A 75 4.96 -4.85 -6.83
C ASP A 75 5.15 -3.62 -7.70
N HIS A 76 4.29 -2.63 -7.51
CA HIS A 76 4.22 -1.53 -8.46
C HIS A 76 5.12 -0.34 -8.13
N ASN A 77 5.42 -0.13 -6.85
CA ASN A 77 6.20 1.06 -6.46
C ASN A 77 7.65 0.95 -6.92
N THR A 78 8.20 -0.26 -6.85
CA THR A 78 9.57 -0.48 -7.24
C THR A 78 9.63 -1.26 -8.55
N ARG A 79 8.46 -1.71 -9.00
CA ARG A 79 8.35 -2.54 -10.21
C ARG A 79 9.11 -3.84 -10.03
N ARG A 80 8.41 -4.87 -9.60
CA ARG A 80 9.03 -6.17 -9.36
C ARG A 80 8.00 -7.30 -9.46
N THR A 81 8.19 -8.16 -10.44
CA THR A 81 7.30 -9.31 -10.61
C THR A 81 7.90 -10.54 -9.95
N THR A 82 7.05 -11.41 -9.42
CA THR A 82 7.46 -12.57 -8.66
C THR A 82 6.40 -13.66 -8.73
N PHE A 83 6.82 -14.89 -9.00
CA PHE A 83 5.89 -16.01 -9.11
C PHE A 83 5.71 -16.69 -7.76
N GLU A 84 6.81 -16.87 -7.05
CA GLU A 84 6.83 -17.62 -5.79
C GLU A 84 6.24 -16.84 -4.62
N ASP A 85 5.23 -16.02 -4.90
CA ASP A 85 4.47 -15.28 -3.87
C ASP A 85 5.36 -14.25 -3.15
N PRO A 86 4.83 -13.04 -2.96
CA PRO A 86 5.54 -11.96 -2.26
C PRO A 86 5.78 -12.30 -0.79
N ARG A 87 4.74 -12.85 -0.15
CA ARG A 87 4.84 -13.25 1.24
C ARG A 87 4.16 -14.61 1.43
N PRO A 88 4.85 -15.70 1.04
CA PRO A 88 4.30 -17.05 1.13
C PRO A 88 4.01 -17.45 2.58
N GLY A 1 -19.59 22.39 9.50
CA GLY A 1 -19.57 21.56 8.27
C GLY A 1 -18.71 22.18 7.18
N SER A 2 -17.84 21.36 6.59
CA SER A 2 -16.94 21.83 5.55
C SER A 2 -16.22 20.65 4.91
N PRO A 3 -16.27 20.53 3.58
CA PRO A 3 -15.66 19.42 2.84
C PRO A 3 -14.14 19.47 2.87
N GLU A 4 -13.53 18.30 3.10
CA GLU A 4 -12.07 18.15 3.14
C GLU A 4 -11.45 18.89 4.31
N PHE A 5 -10.81 18.14 5.19
CA PHE A 5 -10.09 18.73 6.31
C PHE A 5 -8.59 18.68 6.06
N HIS A 6 -8.21 18.93 4.81
CA HIS A 6 -6.80 18.90 4.43
C HIS A 6 -6.52 19.91 3.32
N MET A 7 -6.97 19.59 2.11
CA MET A 7 -6.75 20.45 0.93
C MET A 7 -5.26 20.64 0.68
N ASP A 8 -4.49 19.66 1.11
CA ASP A 8 -3.03 19.72 1.04
C ASP A 8 -2.51 19.32 -0.35
N ALA A 9 -1.20 19.20 -0.45
CA ALA A 9 -0.57 18.71 -1.66
C ALA A 9 -0.38 17.20 -1.57
N LEU A 10 0.22 16.76 -0.47
CA LEU A 10 0.40 15.34 -0.22
C LEU A 10 -0.89 14.73 0.28
N GLY A 11 -1.60 15.47 1.13
CA GLY A 11 -2.84 14.99 1.70
C GLY A 11 -2.69 13.68 2.45
N PRO A 12 -1.83 13.63 3.49
CA PRO A 12 -1.60 12.41 4.25
C PRO A 12 -2.76 12.06 5.19
N LEU A 13 -2.46 11.23 6.20
CA LEU A 13 -3.45 10.81 7.20
C LEU A 13 -4.67 10.17 6.55
N PRO A 14 -4.49 9.06 5.79
CA PRO A 14 -5.58 8.37 5.12
C PRO A 14 -6.49 7.60 6.09
N ASP A 15 -6.73 6.34 5.80
CA ASP A 15 -7.61 5.50 6.61
C ASP A 15 -6.94 5.10 7.92
N GLY A 16 -5.62 5.13 7.94
CA GLY A 16 -4.90 4.72 9.13
C GLY A 16 -3.40 4.89 8.99
N TRP A 17 -2.92 4.83 7.75
CA TRP A 17 -1.49 4.90 7.47
C TRP A 17 -0.90 6.25 7.83
N GLU A 18 0.39 6.23 8.09
CA GLU A 18 1.16 7.46 8.25
C GLU A 18 2.42 7.35 7.41
N LYS A 19 2.48 8.15 6.36
CA LYS A 19 3.56 8.05 5.39
C LYS A 19 4.48 9.27 5.44
N LYS A 20 5.79 9.01 5.50
CA LYS A 20 6.80 10.05 5.52
C LYS A 20 7.85 9.81 4.44
N ILE A 21 8.17 10.81 3.64
CA ILE A 21 9.16 10.64 2.58
C ILE A 21 10.60 10.81 3.11
N GLN A 22 11.36 9.72 3.10
CA GLN A 22 12.75 9.74 3.52
C GLN A 22 13.58 10.51 2.51
N SER A 23 14.70 11.08 2.96
CA SER A 23 15.60 11.87 2.11
C SER A 23 16.12 11.09 0.88
N ASP A 24 15.93 9.78 0.89
CA ASP A 24 16.22 8.96 -0.28
C ASP A 24 15.19 9.23 -1.37
N ASN A 25 14.02 9.66 -0.89
CA ASN A 25 12.79 9.92 -1.67
C ASN A 25 11.92 8.69 -1.63
N ARG A 26 12.07 7.91 -0.56
CA ARG A 26 11.26 6.72 -0.35
C ARG A 26 10.20 6.99 0.70
N VAL A 27 8.93 6.87 0.35
CA VAL A 27 7.87 7.15 1.30
C VAL A 27 7.72 5.99 2.27
N TYR A 28 8.11 6.20 3.51
CA TYR A 28 7.90 5.18 4.51
C TYR A 28 6.43 5.17 4.87
N PHE A 29 5.94 4.02 5.29
CA PHE A 29 4.58 3.89 5.72
C PHE A 29 4.52 3.22 7.08
N VAL A 30 3.68 3.76 7.92
CA VAL A 30 3.52 3.26 9.27
C VAL A 30 2.07 2.89 9.48
N ASN A 31 1.83 1.66 9.88
CA ASN A 31 0.50 1.25 10.24
C ASN A 31 0.42 1.25 11.75
N HIS A 32 -0.56 1.95 12.29
CA HIS A 32 -0.63 2.15 13.73
C HIS A 32 -1.42 1.04 14.40
N LYS A 33 -2.08 0.23 13.59
CA LYS A 33 -2.89 -0.88 14.12
C LYS A 33 -1.99 -1.93 14.76
N ASN A 34 -0.88 -2.27 14.08
CA ASN A 34 0.07 -3.22 14.64
C ASN A 34 1.40 -2.53 14.97
N ARG A 35 1.49 -1.25 14.59
CA ARG A 35 2.71 -0.46 14.78
C ARG A 35 3.89 -1.04 14.00
N THR A 36 3.84 -0.87 12.69
CA THR A 36 4.87 -1.36 11.79
C THR A 36 5.25 -0.25 10.81
N THR A 37 6.53 -0.10 10.50
CA THR A 37 6.95 0.91 9.53
C THR A 37 7.71 0.25 8.37
N GLN A 38 7.54 0.79 7.17
CA GLN A 38 8.15 0.22 5.96
C GLN A 38 8.49 1.31 4.95
N TRP A 39 9.54 1.11 4.18
CA TRP A 39 9.89 2.05 3.12
C TRP A 39 9.20 1.68 1.81
N GLU A 40 9.00 2.70 0.94
CA GLU A 40 8.40 2.58 -0.41
C GLU A 40 7.06 3.30 -0.51
N ASP A 41 5.97 2.53 -0.34
CA ASP A 41 4.59 3.02 -0.39
C ASP A 41 3.65 1.81 -0.38
N PRO A 42 2.60 1.79 0.47
CA PRO A 42 1.71 0.64 0.57
C PRO A 42 0.47 0.78 -0.30
N ARG A 43 0.64 1.44 -1.45
CA ARG A 43 -0.44 1.63 -2.42
C ARG A 43 -1.52 2.57 -1.89
N THR A 44 -2.11 3.35 -2.80
CA THR A 44 -3.17 4.28 -2.45
C THR A 44 -4.49 3.52 -2.28
N GLN A 45 -4.46 2.55 -1.40
CA GLN A 45 -5.62 1.71 -1.09
C GLN A 45 -6.60 2.41 -0.14
N GLY A 46 -7.04 1.67 0.87
CA GLY A 46 -7.86 2.23 1.93
C GLY A 46 -7.90 1.25 3.09
N GLN A 47 -8.33 0.04 2.79
CA GLN A 47 -8.31 -1.06 3.76
C GLN A 47 -7.62 -2.28 3.18
N GLU A 48 -6.62 -2.04 2.34
CA GLU A 48 -5.84 -3.11 1.69
C GLU A 48 -6.73 -3.95 0.79
N VAL A 49 -6.79 -5.24 1.10
CA VAL A 49 -7.50 -6.27 0.31
C VAL A 49 -8.65 -5.70 -0.52
N SER A 50 -9.58 -5.02 0.15
CA SER A 50 -10.76 -4.46 -0.50
C SER A 50 -10.40 -3.71 -1.80
N LEU A 51 -9.28 -3.02 -1.78
CA LEU A 51 -8.75 -2.33 -2.95
C LEU A 51 -7.87 -3.29 -3.76
N ILE A 52 -7.12 -4.15 -3.06
CA ILE A 52 -6.21 -5.10 -3.72
C ILE A 52 -6.98 -6.30 -4.30
N ASN A 53 -8.10 -6.00 -4.97
CA ASN A 53 -8.91 -7.02 -5.65
C ASN A 53 -9.23 -8.23 -4.78
N GLU A 54 -9.55 -7.98 -3.51
CA GLU A 54 -9.92 -9.03 -2.56
C GLU A 54 -8.91 -10.18 -2.64
N GLY A 55 -7.65 -9.81 -2.63
CA GLY A 55 -6.56 -10.74 -2.86
C GLY A 55 -5.36 -10.46 -1.95
N PRO A 56 -4.17 -10.22 -2.52
CA PRO A 56 -2.94 -10.01 -1.75
C PRO A 56 -3.13 -9.10 -0.54
N LEU A 57 -2.91 -9.66 0.64
CA LEU A 57 -3.13 -8.96 1.89
C LEU A 57 -2.19 -7.76 2.07
N PRO A 58 -0.86 -7.93 1.92
CA PRO A 58 0.10 -6.84 2.12
C PRO A 58 -0.13 -5.69 1.12
N PRO A 59 -0.12 -4.47 1.63
CA PRO A 59 -0.37 -3.28 0.81
C PRO A 59 0.77 -2.96 -0.15
N GLY A 60 0.42 -2.71 -1.40
CA GLY A 60 1.40 -2.37 -2.41
C GLY A 60 1.64 -3.51 -3.39
N TRP A 61 0.94 -4.62 -3.16
CA TRP A 61 0.96 -5.72 -4.10
C TRP A 61 -0.08 -5.52 -5.20
N GLU A 62 0.21 -6.04 -6.37
CA GLU A 62 -0.70 -5.95 -7.50
C GLU A 62 -0.82 -7.32 -8.16
N ILE A 63 -1.99 -7.66 -8.68
CA ILE A 63 -2.16 -8.94 -9.36
C ILE A 63 -2.16 -8.77 -10.88
N ARG A 64 -1.22 -9.44 -11.53
CA ARG A 64 -1.13 -9.40 -12.99
C ARG A 64 -1.76 -10.65 -13.58
N TYR A 65 -2.77 -10.46 -14.41
CA TYR A 65 -3.49 -11.58 -15.00
C TYR A 65 -2.69 -12.17 -16.17
N THR A 66 -2.37 -13.45 -16.06
CA THR A 66 -1.75 -14.14 -17.18
C THR A 66 -2.76 -15.00 -17.89
N ALA A 67 -2.69 -15.03 -19.23
CA ALA A 67 -3.66 -15.71 -20.09
C ALA A 67 -4.08 -17.09 -19.59
N ALA A 68 -3.20 -17.77 -18.85
CA ALA A 68 -3.50 -19.08 -18.29
C ALA A 68 -4.57 -18.99 -17.21
N GLY A 69 -4.91 -17.76 -16.83
CA GLY A 69 -5.95 -17.53 -15.86
C GLY A 69 -5.39 -17.29 -14.47
N GLU A 70 -4.08 -17.11 -14.39
CA GLU A 70 -3.43 -16.97 -13.09
C GLU A 70 -3.14 -15.51 -12.78
N ARG A 71 -3.51 -15.08 -11.59
CA ARG A 71 -3.24 -13.73 -11.16
C ARG A 71 -1.94 -13.68 -10.36
N PHE A 72 -0.86 -13.29 -11.03
CA PHE A 72 0.45 -13.24 -10.39
C PHE A 72 0.45 -12.14 -9.34
N PHE A 73 1.37 -12.23 -8.40
CA PHE A 73 1.51 -11.19 -7.40
C PHE A 73 2.71 -10.33 -7.73
N VAL A 74 2.54 -9.03 -7.61
CA VAL A 74 3.63 -8.10 -7.89
C VAL A 74 3.86 -7.21 -6.67
N ASP A 75 4.97 -7.43 -6.00
CA ASP A 75 5.36 -6.61 -4.86
C ASP A 75 6.07 -5.37 -5.36
N HIS A 76 5.61 -4.20 -4.94
CA HIS A 76 6.21 -2.97 -5.42
C HIS A 76 7.07 -2.33 -4.34
N ASN A 77 7.19 -3.01 -3.21
CA ASN A 77 8.04 -2.53 -2.13
C ASN A 77 9.51 -2.78 -2.46
N THR A 78 9.79 -3.98 -2.92
CA THR A 78 11.15 -4.36 -3.28
C THR A 78 11.19 -4.87 -4.73
N ARG A 79 10.06 -4.71 -5.43
CA ARG A 79 9.93 -5.12 -6.83
C ARG A 79 10.15 -6.62 -7.00
N ARG A 80 9.06 -7.37 -7.07
CA ARG A 80 9.16 -8.82 -7.27
C ARG A 80 7.79 -9.40 -7.61
N THR A 81 7.71 -10.09 -8.73
CA THR A 81 6.50 -10.79 -9.10
C THR A 81 6.60 -12.26 -8.67
N THR A 82 5.49 -12.84 -8.26
CA THR A 82 5.48 -14.20 -7.73
C THR A 82 4.13 -14.86 -7.92
N PHE A 83 4.14 -16.17 -8.10
CA PHE A 83 2.90 -16.91 -8.34
C PHE A 83 2.02 -16.94 -7.09
N GLU A 84 2.64 -17.05 -5.91
CA GLU A 84 1.88 -17.18 -4.66
C GLU A 84 2.72 -16.90 -3.41
N ASP A 85 3.53 -15.83 -3.45
CA ASP A 85 4.35 -15.48 -2.30
C ASP A 85 3.52 -14.95 -1.12
N PRO A 86 2.64 -13.94 -1.31
CA PRO A 86 1.81 -13.41 -0.22
C PRO A 86 0.64 -14.34 0.09
N ARG A 87 -0.59 -13.91 -0.16
CA ARG A 87 -1.75 -14.78 0.05
C ARG A 87 -1.64 -16.02 -0.83
N PRO A 88 -1.74 -17.22 -0.21
CA PRO A 88 -1.63 -18.49 -0.93
C PRO A 88 -2.72 -18.65 -1.98
N GLY A 1 -3.28 22.80 -0.63
CA GLY A 1 -2.88 21.44 -1.06
C GLY A 1 -4.00 20.44 -0.91
N SER A 2 -3.98 19.40 -1.75
CA SER A 2 -5.01 18.36 -1.75
C SER A 2 -6.42 18.94 -1.84
N PRO A 3 -6.83 19.39 -3.04
CA PRO A 3 -8.16 19.99 -3.27
C PRO A 3 -9.29 18.95 -3.20
N GLU A 4 -9.43 18.32 -2.04
CA GLU A 4 -10.46 17.32 -1.83
C GLU A 4 -11.78 18.00 -1.52
N PHE A 5 -12.69 18.00 -2.49
CA PHE A 5 -13.97 18.67 -2.34
C PHE A 5 -14.75 18.10 -1.15
N HIS A 6 -15.02 18.96 -0.17
CA HIS A 6 -15.64 18.54 1.09
C HIS A 6 -14.81 17.47 1.76
N MET A 7 -13.49 17.74 1.82
CA MET A 7 -12.49 16.88 2.47
C MET A 7 -12.82 15.38 2.36
N ASP A 8 -12.68 14.68 3.48
CA ASP A 8 -12.96 13.25 3.54
C ASP A 8 -12.86 12.79 4.99
N ALA A 9 -13.71 11.84 5.38
CA ALA A 9 -13.73 11.32 6.73
C ALA A 9 -12.53 10.43 7.01
N LEU A 10 -12.16 9.64 6.01
CA LEU A 10 -11.09 8.65 6.16
C LEU A 10 -9.74 9.31 6.35
N GLY A 11 -9.61 10.57 5.95
CA GLY A 11 -8.34 11.26 6.09
C GLY A 11 -7.28 10.67 5.17
N PRO A 12 -6.20 10.08 5.74
CA PRO A 12 -5.20 9.37 4.96
C PRO A 12 -5.83 8.20 4.20
N LEU A 13 -5.34 7.94 3.00
CA LEU A 13 -5.90 6.90 2.12
C LEU A 13 -6.29 5.61 2.86
N PRO A 14 -5.37 5.01 3.65
CA PRO A 14 -5.65 3.75 4.35
C PRO A 14 -6.59 3.92 5.56
N ASP A 15 -6.71 5.16 6.05
CA ASP A 15 -7.58 5.51 7.20
C ASP A 15 -7.01 4.97 8.52
N GLY A 16 -6.36 3.84 8.46
CA GLY A 16 -5.66 3.31 9.61
C GLY A 16 -4.20 3.66 9.53
N TRP A 17 -3.70 3.65 8.32
CA TRP A 17 -2.33 4.01 8.06
C TRP A 17 -2.22 5.40 7.53
N GLU A 18 -0.98 5.82 7.42
CA GLU A 18 -0.63 7.02 6.67
C GLU A 18 0.58 6.71 5.79
N LYS A 19 0.37 6.74 4.49
CA LYS A 19 1.44 6.43 3.55
C LYS A 19 1.82 7.65 2.71
N LYS A 20 3.11 7.93 2.62
CA LYS A 20 3.62 9.03 1.82
C LYS A 20 4.69 8.53 0.85
N ILE A 21 4.49 8.76 -0.44
CA ILE A 21 5.36 8.21 -1.49
C ILE A 21 6.45 9.19 -1.93
N GLN A 22 7.71 8.79 -1.78
CA GLN A 22 8.83 9.58 -2.25
C GLN A 22 9.22 9.09 -3.64
N SER A 23 9.67 10.02 -4.46
CA SER A 23 9.96 9.77 -5.87
C SER A 23 10.99 8.66 -6.10
N ASP A 24 11.66 8.24 -5.03
CA ASP A 24 12.62 7.14 -5.10
C ASP A 24 11.92 5.80 -4.94
N ASN A 25 10.60 5.85 -4.94
CA ASN A 25 9.72 4.67 -4.91
C ASN A 25 9.51 4.17 -3.48
N ARG A 26 9.83 5.02 -2.51
CA ARG A 26 9.67 4.64 -1.11
C ARG A 26 8.40 5.27 -0.57
N VAL A 27 7.53 4.45 -0.01
CA VAL A 27 6.39 4.97 0.70
C VAL A 27 6.65 4.83 2.18
N TYR A 28 6.45 5.86 2.96
CA TYR A 28 6.58 5.66 4.37
C TYR A 28 5.19 5.34 4.90
N PHE A 29 5.12 4.48 5.89
CA PHE A 29 3.84 4.13 6.45
C PHE A 29 3.84 4.30 7.95
N VAL A 30 2.79 4.88 8.44
CA VAL A 30 2.70 5.25 9.84
C VAL A 30 1.42 4.71 10.45
N ASN A 31 1.56 3.69 11.26
CA ASN A 31 0.43 3.06 11.89
C ASN A 31 -0.14 4.02 12.93
N HIS A 32 -1.45 4.09 13.05
CA HIS A 32 -2.06 5.10 13.90
C HIS A 32 -2.37 4.59 15.30
N LYS A 33 -2.34 3.27 15.48
CA LYS A 33 -2.54 2.70 16.80
C LYS A 33 -1.34 3.04 17.67
N ASN A 34 -0.15 2.85 17.13
CA ASN A 34 1.07 3.09 17.90
C ASN A 34 1.71 4.40 17.47
N ARG A 35 1.25 4.91 16.33
CA ARG A 35 1.80 6.13 15.73
C ARG A 35 3.27 5.91 15.41
N THR A 36 3.49 4.99 14.48
CA THR A 36 4.82 4.47 14.20
C THR A 36 5.11 4.43 12.70
N THR A 37 6.27 4.92 12.30
CA THR A 37 6.63 5.00 10.89
C THR A 37 7.53 3.85 10.43
N GLN A 38 7.37 3.48 9.16
CA GLN A 38 8.14 2.41 8.52
C GLN A 38 8.36 2.74 7.04
N TRP A 39 9.37 2.16 6.42
CA TRP A 39 9.66 2.40 5.00
C TRP A 39 9.02 1.32 4.10
N GLU A 40 8.75 1.68 2.84
CA GLU A 40 8.13 0.80 1.83
C GLU A 40 6.60 0.84 1.94
N ASP A 41 5.99 -0.25 2.39
CA ASP A 41 4.54 -0.37 2.51
C ASP A 41 4.26 -1.55 3.43
N PRO A 42 3.12 -1.59 4.19
CA PRO A 42 2.87 -2.68 5.15
C PRO A 42 2.86 -4.05 4.46
N ARG A 43 2.55 -5.12 5.20
CA ARG A 43 2.71 -6.49 4.68
C ARG A 43 4.19 -6.90 4.79
N THR A 44 5.06 -6.10 4.18
CA THR A 44 6.49 -6.24 4.37
C THR A 44 6.93 -5.50 5.64
N GLN A 45 6.33 -5.90 6.75
CA GLN A 45 6.55 -5.27 8.04
C GLN A 45 8.00 -5.45 8.51
N GLY A 46 8.63 -6.47 7.97
CA GLY A 46 9.99 -6.80 8.34
C GLY A 46 10.21 -8.29 8.24
N GLN A 47 9.18 -9.03 8.67
CA GLN A 47 9.17 -10.48 8.63
C GLN A 47 9.50 -10.98 7.22
N GLU A 48 8.92 -10.32 6.22
CA GLU A 48 9.12 -10.65 4.80
C GLU A 48 8.44 -11.97 4.47
N VAL A 49 7.40 -11.86 3.65
CA VAL A 49 6.50 -12.98 3.39
C VAL A 49 5.54 -13.09 4.58
N SER A 50 5.62 -14.18 5.34
CA SER A 50 4.77 -14.39 6.52
C SER A 50 3.29 -14.41 6.14
N LEU A 51 2.69 -13.23 5.98
CA LEU A 51 1.30 -13.14 5.52
C LEU A 51 1.21 -13.57 4.05
N ILE A 52 2.29 -13.35 3.31
CA ILE A 52 2.33 -13.74 1.89
C ILE A 52 2.07 -15.24 1.75
N ASN A 53 2.76 -15.98 2.61
CA ASN A 53 2.52 -17.42 2.83
C ASN A 53 2.18 -18.20 1.56
N GLU A 54 3.06 -18.10 0.55
CA GLU A 54 2.87 -18.81 -0.71
C GLU A 54 1.48 -18.55 -1.27
N GLY A 55 1.11 -17.28 -1.32
CA GLY A 55 -0.24 -16.92 -1.70
C GLY A 55 -0.29 -15.77 -2.69
N PRO A 56 -1.18 -14.79 -2.47
CA PRO A 56 -1.37 -13.65 -3.39
C PRO A 56 -0.21 -12.66 -3.43
N LEU A 57 0.98 -13.14 -3.04
CA LEU A 57 2.22 -12.39 -3.13
C LEU A 57 2.08 -10.90 -2.85
N PRO A 58 1.65 -10.52 -1.64
CA PRO A 58 1.44 -9.13 -1.26
C PRO A 58 2.62 -8.52 -0.48
N PRO A 59 3.69 -8.06 -1.16
CA PRO A 59 4.84 -7.47 -0.51
C PRO A 59 4.75 -5.95 -0.48
N GLY A 60 3.76 -5.44 0.23
CA GLY A 60 3.54 -4.01 0.27
C GLY A 60 2.91 -3.52 -1.02
N TRP A 61 1.92 -4.25 -1.49
CA TRP A 61 1.14 -3.80 -2.62
C TRP A 61 -0.32 -3.57 -2.23
N GLU A 62 -0.96 -2.70 -2.97
CA GLU A 62 -2.26 -2.18 -2.58
C GLU A 62 -3.26 -2.33 -3.72
N ILE A 63 -4.53 -2.44 -3.38
CA ILE A 63 -5.57 -2.48 -4.39
C ILE A 63 -6.08 -1.08 -4.68
N ARG A 64 -5.94 -0.64 -5.92
CA ARG A 64 -6.41 0.68 -6.31
C ARG A 64 -7.81 0.58 -6.88
N TYR A 65 -8.77 1.26 -6.26
CA TYR A 65 -10.13 1.30 -6.77
C TYR A 65 -10.21 2.15 -8.02
N THR A 66 -10.46 1.52 -9.16
CA THR A 66 -10.66 2.24 -10.39
C THR A 66 -12.15 2.30 -10.72
N ALA A 67 -12.60 3.47 -11.18
CA ALA A 67 -14.03 3.78 -11.34
C ALA A 67 -14.89 2.63 -11.86
N ALA A 68 -14.30 1.73 -12.65
CA ALA A 68 -15.03 0.57 -13.18
C ALA A 68 -15.38 -0.42 -12.07
N GLY A 69 -14.92 -0.15 -10.86
CA GLY A 69 -15.18 -1.02 -9.74
C GLY A 69 -14.12 -2.08 -9.57
N GLU A 70 -13.01 -1.90 -10.27
CA GLU A 70 -11.92 -2.86 -10.23
C GLU A 70 -10.81 -2.38 -9.31
N ARG A 71 -10.29 -3.29 -8.50
CA ARG A 71 -9.16 -2.96 -7.64
C ARG A 71 -7.85 -3.35 -8.32
N PHE A 72 -7.24 -2.37 -8.97
CA PHE A 72 -5.98 -2.59 -9.67
C PHE A 72 -4.86 -2.84 -8.66
N PHE A 73 -3.77 -3.37 -9.15
CA PHE A 73 -2.66 -3.73 -8.30
C PHE A 73 -1.64 -2.60 -8.22
N VAL A 74 -1.26 -2.21 -7.00
CA VAL A 74 -0.23 -1.20 -6.83
C VAL A 74 0.86 -1.73 -5.90
N ASP A 75 1.97 -2.11 -6.52
CA ASP A 75 3.19 -2.51 -5.81
C ASP A 75 4.03 -1.27 -5.48
N HIS A 76 4.47 -1.13 -4.23
CA HIS A 76 5.22 0.06 -3.83
C HIS A 76 6.69 -0.25 -3.72
N ASN A 77 7.13 -1.24 -4.45
CA ASN A 77 8.53 -1.62 -4.47
C ASN A 77 9.17 -1.11 -5.74
N THR A 78 8.49 -1.35 -6.85
CA THR A 78 8.93 -0.87 -8.14
C THR A 78 7.99 0.25 -8.63
N ARG A 79 7.01 0.59 -7.77
CA ARG A 79 6.07 1.66 -8.05
C ARG A 79 5.28 1.37 -9.32
N ARG A 80 4.50 0.29 -9.29
CA ARG A 80 3.85 -0.18 -10.50
C ARG A 80 2.39 -0.51 -10.25
N THR A 81 1.52 0.06 -11.08
CA THR A 81 0.13 -0.32 -11.08
C THR A 81 -0.14 -1.28 -12.25
N THR A 82 -1.07 -2.20 -12.07
CA THR A 82 -1.34 -3.23 -13.05
C THR A 82 -2.73 -3.83 -12.82
N PHE A 83 -3.34 -4.35 -13.88
CA PHE A 83 -4.65 -4.99 -13.75
C PHE A 83 -4.49 -6.33 -13.02
N GLU A 84 -3.62 -7.18 -13.56
CA GLU A 84 -3.29 -8.46 -12.95
C GLU A 84 -1.94 -8.37 -12.25
N ASP A 85 -1.18 -9.49 -12.27
CA ASP A 85 0.19 -9.63 -11.71
C ASP A 85 0.18 -10.38 -10.37
N PRO A 86 -0.42 -9.85 -9.28
CA PRO A 86 -0.50 -10.58 -8.01
C PRO A 86 -1.19 -11.93 -8.16
N ARG A 87 -0.66 -12.93 -7.48
CA ARG A 87 -1.17 -14.29 -7.58
C ARG A 87 -2.60 -14.38 -7.07
N PRO A 88 -3.49 -15.02 -7.84
CA PRO A 88 -4.90 -15.18 -7.45
C PRO A 88 -5.04 -16.05 -6.20
N GLY A 1 -15.75 23.02 2.18
CA GLY A 1 -16.60 21.86 1.78
C GLY A 1 -15.95 20.54 2.13
N SER A 2 -16.14 19.54 1.29
CA SER A 2 -15.52 18.25 1.48
C SER A 2 -14.09 18.26 0.94
N PRO A 3 -13.14 17.74 1.74
CA PRO A 3 -11.72 17.68 1.35
C PRO A 3 -11.46 16.62 0.28
N GLU A 4 -12.13 16.78 -0.85
CA GLU A 4 -12.10 15.79 -1.92
C GLU A 4 -10.78 15.83 -2.71
N PHE A 5 -9.67 15.81 -1.98
CA PHE A 5 -8.35 15.78 -2.61
C PHE A 5 -8.17 14.50 -3.43
N HIS A 6 -8.74 13.41 -2.92
CA HIS A 6 -8.69 12.10 -3.57
C HIS A 6 -9.80 11.25 -2.99
N MET A 7 -10.58 10.60 -3.86
CA MET A 7 -11.80 9.89 -3.45
C MET A 7 -11.58 9.05 -2.20
N ASP A 8 -10.51 8.25 -2.20
CA ASP A 8 -10.22 7.32 -1.11
C ASP A 8 -10.30 8.01 0.25
N ALA A 9 -9.84 9.26 0.30
CA ALA A 9 -9.77 10.07 1.53
C ALA A 9 -8.61 9.60 2.41
N LEU A 10 -8.57 8.30 2.66
CA LEU A 10 -7.48 7.70 3.41
C LEU A 10 -6.16 7.96 2.71
N GLY A 11 -6.16 7.81 1.38
CA GLY A 11 -4.93 7.95 0.62
C GLY A 11 -3.99 6.81 0.92
N PRO A 12 -2.70 7.08 1.09
CA PRO A 12 -1.73 6.07 1.50
C PRO A 12 -1.90 5.72 2.98
N LEU A 13 -2.98 5.00 3.27
CA LEU A 13 -3.37 4.68 4.64
C LEU A 13 -4.59 3.76 4.64
N PRO A 14 -4.40 2.44 4.47
CA PRO A 14 -5.51 1.47 4.43
C PRO A 14 -6.18 1.28 5.80
N ASP A 15 -6.32 2.39 6.53
CA ASP A 15 -7.04 2.43 7.81
C ASP A 15 -6.45 1.43 8.82
N GLY A 16 -5.13 1.41 8.93
CA GLY A 16 -4.48 0.52 9.86
C GLY A 16 -2.98 0.55 9.66
N TRP A 17 -2.60 0.49 8.39
CA TRP A 17 -1.24 0.67 7.97
C TRP A 17 -1.15 2.00 7.23
N GLU A 18 0.04 2.59 7.16
CA GLU A 18 0.18 3.90 6.57
C GLU A 18 1.58 4.15 6.06
N LYS A 19 1.70 4.25 4.75
CA LYS A 19 2.96 4.62 4.14
C LYS A 19 2.92 6.11 3.79
N LYS A 20 3.81 6.89 4.38
CA LYS A 20 3.78 8.32 4.14
C LYS A 20 5.13 8.83 3.67
N ILE A 21 5.18 9.36 2.46
CA ILE A 21 6.44 9.77 1.86
C ILE A 21 6.83 11.19 2.28
N GLN A 22 8.08 11.32 2.70
CA GLN A 22 8.68 12.61 3.01
C GLN A 22 9.27 13.20 1.74
N SER A 23 9.39 14.52 1.67
CA SER A 23 9.85 15.22 0.46
C SER A 23 11.16 14.64 -0.10
N ASP A 24 12.05 14.18 0.78
CA ASP A 24 13.33 13.59 0.39
C ASP A 24 13.13 12.23 -0.30
N ASN A 25 11.87 11.79 -0.32
CA ASN A 25 11.46 10.54 -0.97
C ASN A 25 11.70 9.38 -0.02
N ARG A 26 11.46 9.66 1.25
CA ARG A 26 11.52 8.63 2.28
C ARG A 26 10.12 8.27 2.71
N VAL A 27 9.70 7.05 2.48
CA VAL A 27 8.37 6.63 2.86
C VAL A 27 8.40 6.03 4.26
N TYR A 28 7.51 6.47 5.12
CA TYR A 28 7.46 5.91 6.45
C TYR A 28 6.43 4.80 6.49
N PHE A 29 6.63 3.87 7.40
CA PHE A 29 5.68 2.80 7.64
C PHE A 29 5.01 3.08 8.95
N VAL A 30 3.72 2.86 9.04
CA VAL A 30 3.05 2.95 10.32
C VAL A 30 1.89 1.95 10.31
N ASN A 31 2.10 0.80 10.90
CA ASN A 31 1.04 -0.18 11.03
C ASN A 31 0.72 -0.35 12.49
N HIS A 32 -0.55 -0.28 12.89
CA HIS A 32 -0.87 -0.31 14.31
C HIS A 32 -1.39 -1.67 14.72
N LYS A 33 -1.01 -2.71 13.99
CA LYS A 33 -1.48 -4.06 14.29
C LYS A 33 -0.84 -4.53 15.60
N ASN A 34 0.48 -4.63 15.60
CA ASN A 34 1.23 -4.93 16.81
C ASN A 34 2.24 -3.83 17.01
N ARG A 35 1.89 -2.64 16.50
CA ARG A 35 2.77 -1.46 16.49
C ARG A 35 4.04 -1.72 15.69
N THR A 36 4.12 -1.10 14.52
CA THR A 36 5.35 -1.15 13.74
C THR A 36 5.56 0.18 13.01
N THR A 37 6.68 0.83 13.28
CA THR A 37 7.07 2.05 12.59
C THR A 37 8.43 1.82 11.93
N GLN A 38 8.68 2.47 10.80
CA GLN A 38 9.95 2.26 10.07
C GLN A 38 10.07 3.21 8.86
N TRP A 39 11.28 3.65 8.54
CA TRP A 39 11.50 4.46 7.34
C TRP A 39 11.97 3.61 6.15
N GLU A 40 11.68 4.12 4.93
CA GLU A 40 12.00 3.50 3.62
C GLU A 40 10.72 3.01 2.94
N ASP A 41 10.66 1.73 2.59
CA ASP A 41 9.49 1.21 1.86
C ASP A 41 9.28 -0.27 2.14
N PRO A 42 8.03 -0.70 2.46
CA PRO A 42 7.73 -2.09 2.87
C PRO A 42 7.97 -3.13 1.76
N ARG A 43 9.05 -2.96 1.00
CA ARG A 43 9.48 -3.90 -0.02
C ARG A 43 10.78 -3.42 -0.66
N THR A 44 10.80 -3.38 -1.99
CA THR A 44 11.93 -2.87 -2.71
C THR A 44 11.43 -1.87 -3.76
N GLN A 45 10.49 -1.03 -3.32
CA GLN A 45 9.95 0.02 -4.17
C GLN A 45 9.53 1.23 -3.36
N GLY A 46 9.98 2.39 -3.78
CA GLY A 46 9.62 3.63 -3.13
C GLY A 46 8.95 4.61 -4.08
N GLN A 47 9.38 4.60 -5.33
CA GLN A 47 8.72 5.35 -6.38
C GLN A 47 7.43 4.64 -6.77
N GLU A 48 7.49 3.30 -6.73
CA GLU A 48 6.35 2.45 -7.03
C GLU A 48 5.98 2.58 -8.50
N VAL A 49 4.81 3.15 -8.75
CA VAL A 49 4.27 3.33 -10.11
C VAL A 49 3.58 2.06 -10.58
N SER A 50 4.29 0.96 -10.56
CA SER A 50 3.66 -0.34 -10.77
C SER A 50 2.76 -0.61 -9.57
N LEU A 51 3.24 -0.19 -8.40
CA LEU A 51 2.50 -0.32 -7.16
C LEU A 51 1.67 0.94 -6.90
N ILE A 52 1.36 1.68 -7.95
CA ILE A 52 0.69 2.97 -7.80
C ILE A 52 -0.83 2.81 -7.69
N ASN A 53 -1.38 1.81 -8.39
CA ASN A 53 -2.82 1.56 -8.34
C ASN A 53 -3.26 1.52 -6.89
N GLU A 54 -2.68 0.59 -6.16
CA GLU A 54 -2.87 0.46 -4.74
C GLU A 54 -2.29 1.67 -4.01
N GLY A 55 -3.04 2.78 -4.01
CA GLY A 55 -2.60 4.00 -3.35
C GLY A 55 -2.37 3.82 -1.86
N PRO A 56 -3.39 3.35 -1.09
CA PRO A 56 -3.23 3.10 0.34
C PRO A 56 -2.27 1.95 0.59
N LEU A 57 -2.60 0.84 -0.06
CA LEU A 57 -1.85 -0.40 0.04
C LEU A 57 -0.37 -0.16 -0.28
N PRO A 58 0.52 -0.83 0.46
CA PRO A 58 1.97 -0.61 0.32
C PRO A 58 2.54 -1.18 -0.98
N PRO A 59 3.65 -0.57 -1.48
CA PRO A 59 4.41 -1.09 -2.63
C PRO A 59 4.79 -2.55 -2.40
N GLY A 60 4.90 -2.89 -1.12
CA GLY A 60 5.33 -4.20 -0.68
C GLY A 60 4.59 -5.35 -1.33
N TRP A 61 3.33 -5.13 -1.61
CA TRP A 61 2.62 -6.11 -2.43
C TRP A 61 2.15 -5.50 -3.76
N GLU A 62 1.72 -6.35 -4.69
CA GLU A 62 1.49 -5.93 -6.07
C GLU A 62 0.10 -6.36 -6.57
N ILE A 63 -0.43 -5.62 -7.53
CA ILE A 63 -1.63 -6.06 -8.21
C ILE A 63 -1.26 -6.81 -9.49
N ARG A 64 -1.73 -8.04 -9.58
CA ARG A 64 -1.48 -8.83 -10.78
C ARG A 64 -2.66 -8.67 -11.74
N TYR A 65 -2.41 -8.13 -12.91
CA TYR A 65 -3.48 -7.87 -13.86
C TYR A 65 -3.88 -9.15 -14.59
N THR A 66 -5.09 -9.62 -14.29
CA THR A 66 -5.61 -10.77 -15.01
C THR A 66 -6.37 -10.29 -16.23
N ALA A 67 -6.18 -11.01 -17.34
CA ALA A 67 -6.61 -10.54 -18.67
C ALA A 67 -8.01 -9.93 -18.70
N ALA A 68 -8.93 -10.43 -17.90
CA ALA A 68 -10.29 -9.90 -17.88
C ALA A 68 -10.34 -8.48 -17.32
N GLY A 69 -9.22 -8.05 -16.74
CA GLY A 69 -9.07 -6.68 -16.31
C GLY A 69 -9.18 -6.52 -14.80
N GLU A 70 -8.95 -7.59 -14.07
CA GLU A 70 -8.99 -7.51 -12.62
C GLU A 70 -7.59 -7.47 -12.04
N ARG A 71 -7.36 -6.55 -11.12
CA ARG A 71 -6.09 -6.46 -10.43
C ARG A 71 -6.11 -7.41 -9.24
N PHE A 72 -5.47 -8.55 -9.38
CA PHE A 72 -5.38 -9.52 -8.30
C PHE A 72 -4.31 -9.09 -7.31
N PHE A 73 -4.30 -9.71 -6.16
CA PHE A 73 -3.37 -9.37 -5.11
C PHE A 73 -2.19 -10.33 -5.10
N VAL A 74 -0.98 -9.79 -5.10
CA VAL A 74 0.22 -10.58 -4.96
C VAL A 74 1.12 -9.94 -3.92
N ASP A 75 1.19 -10.56 -2.76
CA ASP A 75 2.13 -10.15 -1.74
C ASP A 75 3.34 -11.07 -1.72
N HIS A 76 4.48 -10.50 -1.41
CA HIS A 76 5.68 -11.30 -1.19
C HIS A 76 6.28 -10.93 0.16
N ASN A 77 5.39 -10.87 1.14
CA ASN A 77 5.79 -10.77 2.55
C ASN A 77 5.42 -12.07 3.26
N THR A 78 4.34 -12.69 2.79
CA THR A 78 3.90 -14.00 3.27
C THR A 78 3.75 -14.95 2.07
N ARG A 79 3.93 -14.39 0.86
CA ARG A 79 3.75 -15.12 -0.39
C ARG A 79 2.31 -15.61 -0.53
N ARG A 80 1.49 -14.79 -1.17
CA ARG A 80 0.08 -15.07 -1.26
C ARG A 80 -0.50 -14.31 -2.43
N THR A 81 -1.22 -15.02 -3.28
CA THR A 81 -1.91 -14.39 -4.37
C THR A 81 -3.39 -14.68 -4.27
N THR A 82 -4.23 -13.73 -4.64
CA THR A 82 -5.67 -13.82 -4.43
C THR A 82 -6.40 -12.75 -5.25
N PHE A 83 -7.64 -13.02 -5.66
CA PHE A 83 -8.45 -12.02 -6.36
C PHE A 83 -8.65 -10.79 -5.47
N GLU A 84 -9.00 -11.05 -4.21
CA GLU A 84 -9.15 -10.00 -3.21
C GLU A 84 -8.12 -10.17 -2.11
N ASP A 85 -8.57 -9.97 -0.85
CA ASP A 85 -7.79 -10.18 0.40
C ASP A 85 -7.39 -8.84 1.06
N PRO A 86 -6.48 -8.01 0.49
CA PRO A 86 -6.07 -6.74 1.12
C PRO A 86 -7.21 -5.71 1.12
N ARG A 87 -7.14 -4.74 0.22
CA ARG A 87 -8.16 -3.69 0.14
C ARG A 87 -9.56 -4.25 -0.22
N PRO A 88 -9.69 -5.05 -1.30
CA PRO A 88 -11.01 -5.59 -1.71
C PRO A 88 -11.63 -6.49 -0.65
#